data_3D5L
#
_entry.id   3D5L
#
_cell.length_a   27.190
_cell.length_b   81.924
_cell.length_c   124.766
_cell.angle_alpha   90.00
_cell.angle_beta   90.00
_cell.angle_gamma   90.00
#
_symmetry.space_group_name_H-M   'P 1 21 1'
#
loop_
_entity.id
_entity.type
_entity.pdbx_description
1 polymer 'Regulatory protein RecX'
2 non-polymer 'SULFATE ION'
3 water water
#
_entity_poly.entity_id   1
_entity_poly.type   'polypeptide(L)'
_entity_poly.pdbx_seq_one_letter_code
;MSLAKISKIEAQKRKGRYNIYLDGKYAFPVAESVLIQFRLMKGTELDEKQIAAIATADQQAKAYSRMLDYLSYQMRTESD
IVKKLKEIDTPEEFVEPILKKLRGQQLIDDHAYAASYVRTMINTDLKGPGIIRQHLRQKGIGESDIDDALTQFTPEVQAE
LAKKLALKLFRRYRNQPERRREQKVQQGLTTKGFSSSVYEMIKDEVVPQPDLEEGHHHHHH
;
_entity_poly.pdbx_strand_id   A,B
#
# COMPACT_ATOMS: atom_id res chain seq x y z
N LEU A 3 32.25 -9.42 22.76
CA LEU A 3 30.91 -9.24 22.12
C LEU A 3 30.82 -9.92 20.76
N ALA A 4 29.61 -10.27 20.34
CA ALA A 4 29.40 -10.91 19.04
C ALA A 4 29.55 -9.85 17.95
N LYS A 5 29.99 -10.27 16.76
CA LYS A 5 30.17 -9.34 15.65
C LYS A 5 29.50 -9.89 14.39
N ILE A 6 28.76 -9.04 13.68
CA ILE A 6 28.07 -9.45 12.47
C ILE A 6 29.03 -9.73 11.32
N SER A 7 29.09 -10.99 10.88
CA SER A 7 29.98 -11.39 9.80
C SER A 7 29.31 -11.35 8.42
N LYS A 8 27.99 -11.24 8.39
CA LYS A 8 27.28 -11.20 7.13
C LYS A 8 25.81 -10.84 7.31
N ILE A 9 25.24 -10.25 6.27
CA ILE A 9 23.83 -9.88 6.27
C ILE A 9 23.33 -10.28 4.91
N GLU A 10 22.41 -11.23 4.86
CA GLU A 10 21.91 -11.66 3.57
C GLU A 10 20.41 -11.46 3.47
N ALA A 11 19.96 -10.96 2.33
CA ALA A 11 18.55 -10.73 2.12
C ALA A 11 17.88 -12.08 1.99
N GLN A 12 16.70 -12.22 2.58
CA GLN A 12 15.98 -13.47 2.47
C GLN A 12 15.46 -13.50 1.04
N LYS A 13 14.79 -14.59 0.67
CA LYS A 13 14.25 -14.71 -0.68
C LYS A 13 13.23 -13.59 -0.97
N ARG A 14 12.34 -13.33 -0.01
CA ARG A 14 11.33 -12.28 -0.18
C ARG A 14 11.87 -10.99 0.44
N LYS A 15 11.66 -9.87 -0.24
CA LYS A 15 12.14 -8.58 0.24
C LYS A 15 11.55 -8.09 1.57
N GLY A 16 12.35 -7.30 2.29
CA GLY A 16 11.91 -6.74 3.55
C GLY A 16 12.52 -7.30 4.81
N ARG A 17 13.08 -8.49 4.71
CA ARG A 17 13.68 -9.15 5.86
C ARG A 17 15.10 -9.57 5.54
N TYR A 18 15.95 -9.68 6.58
CA TYR A 18 17.35 -10.07 6.42
C TYR A 18 17.80 -11.11 7.43
N ASN A 19 18.76 -11.92 7.00
CA ASN A 19 19.34 -12.94 7.88
C ASN A 19 20.66 -12.37 8.38
N ILE A 20 20.85 -12.39 9.71
CA ILE A 20 22.07 -11.89 10.31
C ILE A 20 22.95 -13.01 10.86
N TYR A 21 24.22 -12.98 10.46
CA TYR A 21 25.21 -13.97 10.89
C TYR A 21 26.21 -13.33 11.85
N LEU A 22 26.37 -13.95 13.01
CA LEU A 22 27.32 -13.45 13.99
C LEU A 22 28.53 -14.37 14.04
N ASP A 23 29.70 -13.81 13.76
CA ASP A 23 30.94 -14.59 13.78
C ASP A 23 30.87 -15.82 12.88
N GLY A 24 30.38 -15.63 11.66
CA GLY A 24 30.28 -16.71 10.70
C GLY A 24 29.10 -17.65 10.81
N LYS A 25 28.19 -17.41 11.75
CA LYS A 25 27.03 -18.29 11.93
C LYS A 25 25.68 -17.55 11.99
N TYR A 26 24.66 -18.15 11.39
CA TYR A 26 23.33 -17.55 11.40
C TYR A 26 22.88 -17.30 12.82
N ALA A 27 22.39 -16.09 13.09
CA ALA A 27 21.93 -15.73 14.43
C ALA A 27 20.43 -15.39 14.50
N PHE A 28 19.98 -14.43 13.70
CA PHE A 28 18.56 -14.05 13.75
C PHE A 28 18.13 -13.19 12.58
N PRO A 29 16.81 -13.06 12.38
CA PRO A 29 16.31 -12.25 11.27
C PRO A 29 15.78 -10.92 11.80
N VAL A 30 15.79 -9.92 10.95
CA VAL A 30 15.29 -8.61 11.35
C VAL A 30 14.56 -7.98 10.19
N ALA A 31 13.44 -7.33 10.48
CA ALA A 31 12.68 -6.64 9.45
C ALA A 31 13.61 -5.49 9.05
N GLU A 32 13.37 -4.90 7.90
CA GLU A 32 14.22 -3.81 7.46
C GLU A 32 14.22 -2.66 8.48
N SER A 33 13.04 -2.24 8.95
CA SER A 33 12.94 -1.13 9.91
C SER A 33 13.72 -1.35 11.19
N VAL A 34 13.88 -2.62 11.59
CA VAL A 34 14.63 -2.93 12.80
C VAL A 34 16.12 -2.88 12.50
N LEU A 35 16.47 -3.29 11.29
CA LEU A 35 17.86 -3.28 10.85
C LEU A 35 18.33 -1.82 10.84
N ILE A 36 17.44 -0.92 10.44
CA ILE A 36 17.74 0.50 10.38
C ILE A 36 17.70 1.11 11.78
N GLN A 37 16.68 0.75 12.56
CA GLN A 37 16.52 1.26 13.90
C GLN A 37 17.73 0.94 14.76
N PHE A 38 18.40 -0.18 14.48
CA PHE A 38 19.55 -0.55 15.27
C PHE A 38 20.90 -0.40 14.57
N ARG A 39 20.88 0.20 13.38
CA ARG A 39 22.12 0.46 12.65
C ARG A 39 22.99 -0.77 12.42
N LEU A 40 22.37 -1.89 12.10
CA LEU A 40 23.09 -3.14 11.89
C LEU A 40 23.86 -3.19 10.56
N MET A 41 25.09 -3.71 10.63
CA MET A 41 25.95 -3.84 9.45
C MET A 41 27.11 -4.78 9.75
N LYS A 42 27.94 -5.07 8.74
CA LYS A 42 29.08 -5.97 8.91
C LYS A 42 30.06 -5.37 9.92
N GLY A 43 30.23 -6.04 11.06
CA GLY A 43 31.15 -5.56 12.08
C GLY A 43 30.52 -5.04 13.37
N THR A 44 29.19 -4.91 13.40
CA THR A 44 28.51 -4.42 14.59
C THR A 44 28.60 -5.40 15.77
N GLU A 45 28.95 -4.89 16.94
CA GLU A 45 29.05 -5.71 18.14
C GLU A 45 27.73 -5.56 18.93
N LEU A 46 27.28 -6.65 19.54
CA LEU A 46 26.03 -6.63 20.29
C LEU A 46 26.04 -7.38 21.61
N ASP A 47 25.41 -6.77 22.63
CA ASP A 47 25.30 -7.38 23.95
C ASP A 47 23.93 -8.05 23.97
N GLU A 48 23.68 -8.87 24.99
CA GLU A 48 22.40 -9.57 25.10
C GLU A 48 21.24 -8.59 25.14
N LYS A 49 21.35 -7.55 25.96
CA LYS A 49 20.30 -6.53 26.08
C LYS A 49 19.89 -5.94 24.73
N GLN A 50 20.85 -5.76 23.83
CA GLN A 50 20.56 -5.20 22.51
C GLN A 50 19.92 -6.25 21.61
N ILE A 51 20.40 -7.48 21.71
CA ILE A 51 19.88 -8.57 20.91
C ILE A 51 18.45 -8.87 21.33
N ALA A 52 18.14 -8.59 22.59
CA ALA A 52 16.79 -8.84 23.11
C ALA A 52 15.87 -7.71 22.70
N ALA A 53 16.41 -6.49 22.68
CA ALA A 53 15.63 -5.32 22.30
C ALA A 53 15.39 -5.34 20.78
N ILE A 54 16.29 -5.97 20.04
CA ILE A 54 16.15 -6.09 18.60
C ILE A 54 14.98 -7.04 18.34
N ALA A 55 14.94 -8.10 19.13
CA ALA A 55 13.87 -9.09 19.03
C ALA A 55 12.51 -8.45 19.29
N THR A 56 12.38 -7.72 20.40
CA THR A 56 11.12 -7.07 20.75
C THR A 56 10.69 -6.10 19.64
N ALA A 57 11.65 -5.36 19.11
CA ALA A 57 11.36 -4.41 18.04
C ALA A 57 10.89 -5.16 16.81
N ASP A 58 11.54 -6.28 16.49
CA ASP A 58 11.17 -7.08 15.33
C ASP A 58 9.78 -7.69 15.53
N GLN A 59 9.40 -7.97 16.78
CA GLN A 59 8.09 -8.53 17.04
C GLN A 59 7.05 -7.46 16.72
N GLN A 60 7.40 -6.20 16.99
CA GLN A 60 6.48 -5.11 16.74
C GLN A 60 6.43 -4.83 15.24
N ALA A 61 7.59 -4.81 14.60
CA ALA A 61 7.67 -4.56 13.16
C ALA A 61 6.85 -5.59 12.39
N LYS A 62 6.82 -6.82 12.89
CA LYS A 62 6.05 -7.90 12.25
C LYS A 62 4.54 -7.67 12.37
N ALA A 63 4.09 -7.13 13.50
CA ALA A 63 2.65 -6.89 13.68
C ALA A 63 2.26 -5.73 12.77
N TYR A 64 3.19 -4.79 12.62
CA TYR A 64 2.95 -3.66 11.77
C TYR A 64 2.76 -4.14 10.33
N SER A 65 3.64 -5.03 9.88
CA SER A 65 3.58 -5.58 8.53
C SER A 65 2.23 -6.24 8.28
N ARG A 66 1.79 -7.04 9.25
CA ARG A 66 0.50 -7.71 9.12
C ARG A 66 -0.68 -6.71 9.06
N MET A 67 -0.57 -5.57 9.74
CA MET A 67 -1.64 -4.59 9.65
C MET A 67 -1.59 -4.01 8.23
N LEU A 68 -0.39 -3.98 7.62
CA LEU A 68 -0.25 -3.47 6.26
C LEU A 68 -0.99 -4.38 5.28
N ASP A 69 -0.94 -5.69 5.54
CA ASP A 69 -1.63 -6.65 4.68
C ASP A 69 -3.15 -6.55 4.96
N TYR A 70 -3.50 -6.34 6.22
CA TYR A 70 -4.90 -6.22 6.64
C TYR A 70 -5.57 -5.03 5.96
N LEU A 71 -4.84 -3.94 5.87
CA LEU A 71 -5.33 -2.73 5.25
C LEU A 71 -5.36 -2.83 3.73
N SER A 72 -4.65 -3.81 3.16
CA SER A 72 -4.62 -3.92 1.70
C SER A 72 -5.85 -4.53 1.05
N TYR A 73 -6.76 -5.06 1.85
CA TYR A 73 -7.96 -5.70 1.32
C TYR A 73 -9.21 -4.82 1.33
N GLN A 74 -9.33 -3.95 2.33
CA GLN A 74 -10.49 -3.07 2.48
C GLN A 74 -10.25 -1.92 3.44
N MET A 75 -11.19 -0.97 3.42
CA MET A 75 -11.17 0.21 4.27
C MET A 75 -11.39 -0.21 5.73
N ARG A 76 -10.63 0.38 6.65
CA ARG A 76 -10.71 0.07 8.08
C ARG A 76 -10.71 1.32 8.96
N THR A 77 -11.38 1.22 10.11
CA THR A 77 -11.43 2.31 11.08
C THR A 77 -10.29 2.00 12.05
N GLU A 78 -10.05 2.92 12.98
CA GLU A 78 -9.00 2.72 13.96
C GLU A 78 -9.40 1.54 14.86
N SER A 79 -10.67 1.51 15.25
CA SER A 79 -11.14 0.44 16.10
C SER A 79 -11.08 -0.91 15.41
N ASP A 80 -11.00 -0.92 14.08
CA ASP A 80 -10.88 -2.19 13.36
C ASP A 80 -9.44 -2.66 13.53
N ILE A 81 -8.51 -1.72 13.45
CA ILE A 81 -7.10 -2.03 13.61
C ILE A 81 -6.79 -2.53 15.03
N VAL A 82 -7.33 -1.84 16.02
CA VAL A 82 -7.18 -2.18 17.44
C VAL A 82 -7.76 -3.57 17.68
N LYS A 83 -8.97 -3.78 17.18
CA LYS A 83 -9.66 -5.05 17.32
C LYS A 83 -8.86 -6.14 16.62
N LYS A 84 -8.18 -5.79 15.54
CA LYS A 84 -7.38 -6.73 14.76
C LYS A 84 -6.08 -7.08 15.48
N LEU A 85 -5.42 -6.10 16.08
CA LEU A 85 -4.17 -6.34 16.78
C LEU A 85 -4.48 -7.20 17.99
N LYS A 86 -5.62 -6.93 18.62
CA LYS A 86 -6.05 -7.72 19.76
C LYS A 86 -6.33 -9.16 19.31
N GLU A 87 -6.97 -9.29 18.15
CA GLU A 87 -7.30 -10.61 17.60
C GLU A 87 -6.07 -11.52 17.41
N ILE A 88 -4.95 -10.97 16.95
CA ILE A 88 -3.76 -11.80 16.77
C ILE A 88 -2.83 -11.70 17.97
N ASP A 89 -3.43 -11.43 19.13
CA ASP A 89 -2.73 -11.30 20.40
C ASP A 89 -1.43 -10.50 20.36
N THR A 90 -1.54 -9.24 20.02
CA THR A 90 -0.37 -8.38 19.97
C THR A 90 -0.11 -7.82 21.37
N PRO A 91 1.16 -7.77 21.81
CA PRO A 91 1.42 -7.22 23.14
C PRO A 91 0.75 -5.84 23.24
N GLU A 92 0.11 -5.58 24.37
CA GLU A 92 -0.61 -4.32 24.57
C GLU A 92 0.26 -3.07 24.50
N GLU A 93 1.56 -3.23 24.70
CA GLU A 93 2.44 -2.07 24.64
C GLU A 93 2.74 -1.71 23.17
N PHE A 94 2.36 -2.58 22.24
CA PHE A 94 2.58 -2.32 20.81
C PHE A 94 1.41 -1.61 20.13
N VAL A 95 0.22 -1.76 20.71
CA VAL A 95 -1.00 -1.19 20.13
C VAL A 95 -0.89 0.30 19.79
N GLU A 96 -0.75 1.12 20.81
CA GLU A 96 -0.67 2.57 20.63
C GLU A 96 0.47 3.00 19.69
N PRO A 97 1.67 2.40 19.80
CA PRO A 97 2.77 2.78 18.89
C PRO A 97 2.44 2.47 17.43
N ILE A 98 1.86 1.30 17.18
CA ILE A 98 1.48 0.90 15.82
C ILE A 98 0.36 1.80 15.29
N LEU A 99 -0.63 2.11 16.13
CA LEU A 99 -1.72 2.97 15.70
C LEU A 99 -1.14 4.32 15.32
N LYS A 100 -0.19 4.78 16.13
CA LYS A 100 0.49 6.05 15.91
C LYS A 100 1.30 5.99 14.62
N LYS A 101 2.05 4.90 14.45
CA LYS A 101 2.85 4.75 13.24
C LYS A 101 2.00 4.67 11.98
N LEU A 102 0.90 3.92 12.06
CA LEU A 102 0.00 3.80 10.91
C LEU A 102 -0.66 5.14 10.64
N ARG A 103 -1.02 5.82 11.72
CA ARG A 103 -1.67 7.12 11.63
C ARG A 103 -0.71 8.12 10.98
N GLY A 104 0.54 8.09 11.42
CA GLY A 104 1.55 8.97 10.86
C GLY A 104 1.75 8.76 9.36
N GLN A 105 1.61 7.51 8.90
CA GLN A 105 1.75 7.20 7.48
C GLN A 105 0.39 7.34 6.83
N GLN A 106 -0.56 7.79 7.64
CA GLN A 106 -1.94 7.99 7.23
C GLN A 106 -2.52 6.82 6.45
N LEU A 107 -2.41 5.65 7.06
CA LEU A 107 -2.93 4.44 6.47
C LEU A 107 -4.30 4.17 7.11
N ILE A 108 -4.62 4.99 8.11
CA ILE A 108 -5.90 4.92 8.79
C ILE A 108 -6.42 6.36 8.91
N ASP A 109 -7.73 6.55 8.76
CA ASP A 109 -8.33 7.88 8.82
C ASP A 109 -9.81 7.75 9.11
N ASP A 110 -10.18 7.91 10.38
CA ASP A 110 -11.58 7.79 10.81
C ASP A 110 -12.50 8.87 10.27
N HIS A 111 -11.94 10.03 9.95
CA HIS A 111 -12.77 11.09 9.43
C HIS A 111 -13.22 10.76 8.00
N ALA A 112 -12.31 10.17 7.22
CA ALA A 112 -12.60 9.80 5.83
C ALA A 112 -13.49 8.57 5.82
N TYR A 113 -13.31 7.73 6.82
CA TYR A 113 -14.11 6.55 6.93
C TYR A 113 -15.58 6.91 7.19
N ALA A 114 -15.83 7.75 8.18
CA ALA A 114 -17.21 8.13 8.53
C ALA A 114 -17.94 8.73 7.34
N ALA A 115 -17.24 9.60 6.60
CA ALA A 115 -17.83 10.24 5.44
C ALA A 115 -18.21 9.20 4.38
N SER A 116 -17.31 8.25 4.13
CA SER A 116 -17.56 7.20 3.15
C SER A 116 -18.70 6.32 3.59
N TYR A 117 -18.78 6.10 4.89
CA TYR A 117 -19.83 5.27 5.45
C TYR A 117 -21.18 5.92 5.20
N VAL A 118 -21.28 7.21 5.50
CA VAL A 118 -22.53 7.93 5.32
C VAL A 118 -22.94 7.91 3.85
N ARG A 119 -22.00 8.24 2.97
CA ARG A 119 -22.27 8.23 1.54
C ARG A 119 -22.82 6.87 1.09
N THR A 120 -22.17 5.78 1.51
CA THR A 120 -22.63 4.45 1.15
C THR A 120 -24.03 4.19 1.71
N MET A 121 -24.31 4.68 2.92
CA MET A 121 -25.63 4.48 3.52
C MET A 121 -26.67 5.22 2.69
N ILE A 122 -26.33 6.43 2.28
CA ILE A 122 -27.24 7.21 1.47
C ILE A 122 -27.54 6.54 0.11
N ASN A 123 -26.57 5.77 -0.38
CA ASN A 123 -26.68 5.07 -1.66
C ASN A 123 -27.35 3.70 -1.61
N THR A 124 -27.34 3.06 -0.45
CA THR A 124 -27.88 1.71 -0.34
C THR A 124 -28.81 1.46 0.84
N ASP A 125 -29.10 2.48 1.63
CA ASP A 125 -29.94 2.27 2.81
C ASP A 125 -31.01 3.32 3.07
N LEU A 126 -31.85 3.04 4.07
CA LEU A 126 -32.92 3.94 4.46
C LEU A 126 -32.86 4.25 5.96
N LYS A 127 -31.65 4.43 6.47
CA LYS A 127 -31.45 4.75 7.88
C LYS A 127 -31.37 6.26 8.02
N GLY A 128 -31.75 6.75 9.19
CA GLY A 128 -31.72 8.18 9.45
C GLY A 128 -30.49 8.60 10.22
N PRO A 129 -30.28 9.91 10.41
CA PRO A 129 -29.12 10.42 11.15
C PRO A 129 -28.91 9.84 12.53
N GLY A 130 -30.00 9.73 13.29
CA GLY A 130 -29.89 9.20 14.64
C GLY A 130 -29.24 7.83 14.69
N ILE A 131 -29.62 6.95 13.76
CA ILE A 131 -29.05 5.62 13.71
C ILE A 131 -27.63 5.61 13.14
N ILE A 132 -27.38 6.49 12.17
CA ILE A 132 -26.06 6.59 11.55
C ILE A 132 -25.10 7.02 12.66
N ARG A 133 -25.51 8.05 13.41
CA ARG A 133 -24.72 8.59 14.51
C ARG A 133 -24.44 7.52 15.56
N GLN A 134 -25.45 6.72 15.85
CA GLN A 134 -25.31 5.65 16.82
C GLN A 134 -24.33 4.60 16.32
N HIS A 135 -24.39 4.28 15.04
CA HIS A 135 -23.50 3.27 14.48
C HIS A 135 -22.04 3.73 14.45
N LEU A 136 -21.81 4.99 14.13
CA LEU A 136 -20.45 5.52 14.08
C LEU A 136 -19.85 5.70 15.48
N ARG A 137 -20.70 5.97 16.46
CA ARG A 137 -20.23 6.10 17.84
C ARG A 137 -19.69 4.73 18.25
N GLN A 138 -20.39 3.68 17.84
CA GLN A 138 -19.97 2.30 18.17
C GLN A 138 -18.69 1.90 17.44
N LYS A 139 -18.39 2.55 16.33
CA LYS A 139 -17.19 2.27 15.54
C LYS A 139 -16.01 3.05 16.10
N GLY A 140 -16.24 3.73 17.22
CA GLY A 140 -15.20 4.49 17.89
C GLY A 140 -14.92 5.90 17.40
N ILE A 141 -15.82 6.46 16.61
CA ILE A 141 -15.62 7.79 16.04
C ILE A 141 -16.16 8.93 16.92
N GLY A 142 -15.36 9.98 17.08
CA GLY A 142 -15.77 11.12 17.90
C GLY A 142 -16.99 11.82 17.34
N GLU A 143 -17.63 12.66 18.15
CA GLU A 143 -18.83 13.38 17.76
C GLU A 143 -18.59 14.39 16.65
N SER A 144 -17.39 14.97 16.64
CA SER A 144 -17.02 15.95 15.63
C SER A 144 -16.93 15.30 14.24
N ASP A 145 -16.30 14.13 14.15
CA ASP A 145 -16.19 13.42 12.88
C ASP A 145 -17.57 12.91 12.44
N ILE A 146 -18.44 12.63 13.41
CA ILE A 146 -19.78 12.15 13.08
C ILE A 146 -20.65 13.26 12.55
N ASP A 147 -20.58 14.42 13.18
CA ASP A 147 -21.38 15.55 12.75
C ASP A 147 -20.92 15.95 11.34
N ASP A 148 -19.62 15.95 11.09
CA ASP A 148 -19.10 16.29 9.76
C ASP A 148 -19.65 15.34 8.69
N ALA A 149 -19.66 14.05 8.98
CA ALA A 149 -20.16 13.06 8.03
C ALA A 149 -21.66 13.19 7.82
N LEU A 150 -22.38 13.52 8.89
CA LEU A 150 -23.84 13.66 8.85
C LEU A 150 -24.28 14.92 8.11
N THR A 151 -23.32 15.71 7.66
CA THR A 151 -23.65 16.92 6.94
C THR A 151 -24.19 16.59 5.55
N GLN A 152 -23.82 15.44 5.01
CA GLN A 152 -24.31 15.03 3.69
C GLN A 152 -25.80 14.73 3.82
N PHE A 153 -26.23 14.45 5.05
CA PHE A 153 -27.63 14.12 5.31
C PHE A 153 -28.47 15.36 5.44
N THR A 154 -28.70 15.99 4.29
CA THR A 154 -29.49 17.20 4.22
C THR A 154 -30.98 16.84 4.36
N PRO A 155 -31.84 17.84 4.64
CA PRO A 155 -33.27 17.50 4.78
C PRO A 155 -33.84 16.93 3.47
N GLU A 156 -33.31 17.39 2.33
CA GLU A 156 -33.78 16.89 1.05
C GLU A 156 -33.46 15.39 0.97
N VAL A 157 -32.24 15.01 1.38
CA VAL A 157 -31.85 13.61 1.37
C VAL A 157 -32.67 12.87 2.43
N GLN A 158 -32.83 13.49 3.59
CA GLN A 158 -33.61 12.91 4.68
C GLN A 158 -35.05 12.67 4.26
N ALA A 159 -35.69 13.69 3.70
CA ALA A 159 -37.07 13.58 3.26
C ALA A 159 -37.17 12.57 2.13
N GLU A 160 -36.11 12.49 1.33
CA GLU A 160 -36.09 11.57 0.21
C GLU A 160 -36.09 10.12 0.72
N LEU A 161 -35.19 9.83 1.66
CA LEU A 161 -35.06 8.50 2.24
C LEU A 161 -36.22 8.16 3.17
N ALA A 162 -36.80 9.18 3.79
CA ALA A 162 -37.92 9.00 4.71
C ALA A 162 -39.23 8.74 3.97
N LYS A 163 -39.46 9.41 2.84
CA LYS A 163 -40.68 9.19 2.05
C LYS A 163 -40.66 7.73 1.61
N LYS A 164 -39.52 7.28 1.11
CA LYS A 164 -39.33 5.92 0.64
C LYS A 164 -39.63 4.93 1.77
N LEU A 165 -39.04 5.15 2.93
CA LEU A 165 -39.25 4.30 4.08
C LEU A 165 -40.73 4.33 4.51
N ALA A 166 -41.29 5.54 4.60
CA ALA A 166 -42.68 5.70 5.01
C ALA A 166 -43.64 4.99 4.07
N LEU A 167 -43.38 5.05 2.76
CA LEU A 167 -44.24 4.40 1.79
C LEU A 167 -44.15 2.90 1.98
N LYS A 168 -42.97 2.45 2.35
CA LYS A 168 -42.72 1.05 2.59
C LYS A 168 -43.36 0.64 3.92
N LEU A 169 -43.38 1.56 4.89
CA LEU A 169 -44.00 1.28 6.18
C LEU A 169 -45.52 1.32 6.06
N PHE A 170 -46.04 2.22 5.22
CA PHE A 170 -47.47 2.35 5.03
C PHE A 170 -48.04 1.13 4.32
N ARG A 171 -47.20 0.50 3.50
CA ARG A 171 -47.59 -0.69 2.76
C ARG A 171 -47.44 -1.92 3.68
N ARG A 172 -46.40 -1.89 4.51
CA ARG A 172 -46.14 -2.98 5.43
C ARG A 172 -47.21 -3.09 6.53
N TYR A 173 -47.80 -1.97 6.93
CA TYR A 173 -48.83 -1.97 7.97
C TYR A 173 -50.19 -1.55 7.45
N ARG A 174 -50.45 -1.88 6.19
CA ARG A 174 -51.71 -1.56 5.50
C ARG A 174 -52.91 -2.26 6.13
N ASN A 175 -52.63 -3.25 6.97
CA ASN A 175 -53.65 -4.05 7.64
C ASN A 175 -54.24 -3.37 8.87
N GLN A 176 -53.51 -2.39 9.42
CA GLN A 176 -53.93 -1.66 10.63
C GLN A 176 -54.82 -0.45 10.34
N PRO A 177 -55.68 -0.09 11.30
CA PRO A 177 -56.59 1.06 11.15
C PRO A 177 -55.87 2.43 11.13
N GLU A 178 -56.54 3.42 10.54
CA GLU A 178 -56.07 4.79 10.41
C GLU A 178 -55.02 5.29 11.39
N ARG A 179 -55.46 5.55 12.61
CA ARG A 179 -54.62 6.06 13.68
C ARG A 179 -53.43 5.17 14.03
N ARG A 180 -53.65 3.86 14.10
CA ARG A 180 -52.55 2.96 14.43
C ARG A 180 -51.55 2.88 13.30
N ARG A 181 -52.05 2.90 12.07
CA ARG A 181 -51.21 2.79 10.90
C ARG A 181 -50.24 3.95 10.81
N GLU A 182 -50.76 5.16 10.96
CA GLU A 182 -49.95 6.37 10.88
C GLU A 182 -48.91 6.39 12.02
N GLN A 183 -49.35 6.17 13.26
CA GLN A 183 -48.43 6.18 14.40
C GLN A 183 -47.27 5.23 14.19
N LYS A 184 -47.57 4.04 13.69
CA LYS A 184 -46.56 3.02 13.43
C LYS A 184 -45.50 3.55 12.46
N VAL A 185 -45.94 4.37 11.51
CA VAL A 185 -45.03 4.95 10.52
C VAL A 185 -44.22 6.07 11.16
N GLN A 186 -44.85 6.87 12.01
CA GLN A 186 -44.17 7.96 12.71
C GLN A 186 -43.08 7.38 13.58
N GLN A 187 -43.48 6.41 14.41
CA GLN A 187 -42.54 5.76 15.31
C GLN A 187 -41.43 5.04 14.54
N GLY A 188 -41.79 4.41 13.43
CA GLY A 188 -40.81 3.71 12.63
C GLY A 188 -39.72 4.66 12.14
N LEU A 189 -40.13 5.83 11.66
CA LEU A 189 -39.16 6.80 11.18
C LEU A 189 -38.25 7.26 12.30
N THR A 190 -38.82 7.49 13.48
CA THR A 190 -38.01 7.96 14.61
C THR A 190 -37.01 6.92 15.10
N THR A 191 -37.39 5.65 15.08
CA THR A 191 -36.45 4.63 15.53
C THR A 191 -35.42 4.38 14.45
N LYS A 192 -35.65 4.96 13.27
CA LYS A 192 -34.70 4.82 12.16
C LYS A 192 -33.74 6.01 12.18
N GLY A 193 -33.96 6.94 13.12
CA GLY A 193 -33.08 8.08 13.25
C GLY A 193 -33.59 9.39 12.68
N PHE A 194 -34.84 9.41 12.25
CA PHE A 194 -35.43 10.63 11.68
C PHE A 194 -36.17 11.41 12.75
N SER A 195 -35.90 12.72 12.82
CA SER A 195 -36.55 13.58 13.81
C SER A 195 -38.04 13.76 13.56
N SER A 196 -38.74 14.21 14.59
CA SER A 196 -40.19 14.41 14.54
C SER A 196 -40.64 15.32 13.40
N SER A 197 -39.90 16.39 13.19
CA SER A 197 -40.22 17.36 12.15
C SER A 197 -40.11 16.84 10.72
N VAL A 198 -39.64 15.61 10.55
CA VAL A 198 -39.49 15.03 9.22
C VAL A 198 -40.80 14.42 8.76
N TYR A 199 -41.55 13.83 9.68
CA TYR A 199 -42.83 13.23 9.32
C TYR A 199 -43.75 14.39 8.95
N GLU A 200 -43.68 15.46 9.74
CA GLU A 200 -44.48 16.66 9.51
C GLU A 200 -43.81 17.40 8.36
N MET A 201 -43.62 16.72 7.24
CA MET A 201 -42.99 17.32 6.08
C MET A 201 -43.21 16.44 4.86
N ILE A 202 -43.46 15.16 5.14
CA ILE A 202 -43.68 14.19 4.08
C ILE A 202 -45.03 13.52 4.20
N LYS A 203 -45.74 13.81 5.28
CA LYS A 203 -47.04 13.22 5.53
C LYS A 203 -47.99 13.19 4.33
N ASP A 204 -48.35 14.38 3.83
CA ASP A 204 -49.26 14.50 2.69
C ASP A 204 -48.88 13.62 1.51
N GLU A 205 -47.61 13.24 1.43
CA GLU A 205 -47.12 12.40 0.35
C GLU A 205 -46.97 10.96 0.86
N ALA B 4 -26.52 -19.63 -24.77
CA ALA B 4 -25.56 -20.44 -23.96
C ALA B 4 -25.28 -19.74 -22.63
N LYS B 5 -25.49 -20.45 -21.54
CA LYS B 5 -25.27 -19.90 -20.21
C LYS B 5 -24.43 -20.82 -19.34
N ILE B 6 -23.74 -20.23 -18.37
CA ILE B 6 -22.88 -20.98 -17.46
C ILE B 6 -23.74 -21.96 -16.68
N SER B 7 -23.39 -23.24 -16.80
CA SER B 7 -24.11 -24.32 -16.12
C SER B 7 -23.32 -24.87 -14.94
N LYS B 8 -22.06 -24.46 -14.81
CA LYS B 8 -21.22 -24.93 -13.72
C LYS B 8 -19.90 -24.19 -13.64
N ILE B 9 -19.52 -23.84 -12.42
CA ILE B 9 -18.26 -23.14 -12.17
C ILE B 9 -17.49 -24.02 -11.20
N GLU B 10 -16.42 -24.66 -11.68
CA GLU B 10 -15.65 -25.56 -10.84
C GLU B 10 -14.43 -24.93 -10.18
N ALA B 11 -14.22 -25.30 -8.92
CA ALA B 11 -13.13 -24.78 -8.10
C ALA B 11 -11.71 -25.03 -8.61
N GLN B 12 -11.44 -26.22 -9.14
CA GLN B 12 -10.11 -26.55 -9.64
C GLN B 12 -9.06 -26.57 -8.51
N GLY B 16 -8.08 -20.39 -6.28
CA GLY B 16 -8.61 -19.67 -7.42
C GLY B 16 -8.63 -20.53 -8.66
N ARG B 17 -8.72 -19.89 -9.82
CA ARG B 17 -8.78 -20.61 -11.10
C ARG B 17 -10.02 -21.50 -11.10
N TYR B 18 -10.99 -21.14 -11.93
CA TYR B 18 -12.22 -21.89 -12.02
C TYR B 18 -12.47 -22.35 -13.43
N ASN B 19 -13.14 -23.49 -13.56
CA ASN B 19 -13.47 -24.00 -14.88
C ASN B 19 -14.92 -23.68 -15.18
N ILE B 20 -15.14 -22.87 -16.21
CA ILE B 20 -16.48 -22.50 -16.60
C ILE B 20 -17.02 -23.54 -17.57
N TYR B 21 -18.22 -24.04 -17.30
CA TYR B 21 -18.86 -25.02 -18.17
C TYR B 21 -20.11 -24.40 -18.78
N LEU B 22 -20.05 -24.12 -20.08
CA LEU B 22 -21.20 -23.55 -20.77
C LEU B 22 -21.95 -24.73 -21.34
N ASP B 23 -22.98 -25.19 -20.62
CA ASP B 23 -23.76 -26.33 -21.04
C ASP B 23 -22.86 -27.56 -21.05
N GLY B 24 -23.22 -28.54 -20.23
CA GLY B 24 -22.45 -29.78 -20.17
C GLY B 24 -20.94 -29.67 -20.08
N LYS B 25 -20.27 -29.92 -21.20
CA LYS B 25 -18.80 -29.90 -21.29
C LYS B 25 -18.09 -28.56 -21.05
N TYR B 26 -16.82 -28.66 -20.66
CA TYR B 26 -15.95 -27.52 -20.36
C TYR B 26 -15.84 -26.55 -21.52
N ALA B 27 -15.70 -25.27 -21.20
CA ALA B 27 -15.58 -24.24 -22.22
C ALA B 27 -14.27 -23.49 -22.06
N PHE B 28 -13.97 -23.04 -20.84
CA PHE B 28 -12.74 -22.29 -20.59
C PHE B 28 -12.50 -22.05 -19.09
N PRO B 29 -11.23 -21.74 -18.72
CA PRO B 29 -10.86 -21.49 -17.33
C PRO B 29 -10.74 -19.99 -17.01
N VAL B 30 -10.86 -19.63 -15.73
CA VAL B 30 -10.77 -18.25 -15.28
C VAL B 30 -10.26 -18.13 -13.84
N ALA B 31 -9.61 -17.02 -13.52
CA ALA B 31 -9.09 -16.78 -12.17
C ALA B 31 -10.24 -16.35 -11.26
N GLU B 32 -10.09 -16.53 -9.94
CA GLU B 32 -11.15 -16.17 -9.01
C GLU B 32 -11.54 -14.70 -9.09
N SER B 33 -10.59 -13.85 -9.45
CA SER B 33 -10.86 -12.42 -9.57
C SER B 33 -11.79 -12.21 -10.74
N VAL B 34 -11.35 -12.70 -11.90
CA VAL B 34 -12.10 -12.57 -13.14
C VAL B 34 -13.55 -13.01 -12.96
N LEU B 35 -13.75 -14.01 -12.10
CA LEU B 35 -15.08 -14.53 -11.83
C LEU B 35 -15.95 -13.44 -11.21
N ILE B 36 -15.52 -12.93 -10.06
CA ILE B 36 -16.27 -11.87 -9.37
C ILE B 36 -16.35 -10.59 -10.21
N GLN B 37 -15.36 -10.40 -11.07
CA GLN B 37 -15.31 -9.24 -11.94
C GLN B 37 -16.50 -9.17 -12.90
N PHE B 38 -16.70 -10.23 -13.67
CA PHE B 38 -17.81 -10.29 -14.61
C PHE B 38 -19.05 -10.78 -13.89
N ARG B 39 -18.96 -10.86 -12.56
CA ARG B 39 -20.07 -11.31 -11.73
C ARG B 39 -20.58 -12.68 -12.17
N LEU B 40 -19.71 -13.51 -12.72
CA LEU B 40 -20.13 -14.83 -13.17
C LEU B 40 -20.89 -15.57 -12.08
N MET B 41 -21.89 -16.35 -12.49
CA MET B 41 -22.73 -17.11 -11.58
C MET B 41 -23.39 -18.24 -12.37
N LYS B 42 -24.09 -19.12 -11.66
CA LYS B 42 -24.79 -20.21 -12.33
C LYS B 42 -26.04 -19.61 -12.97
N GLY B 43 -26.18 -19.80 -14.28
CA GLY B 43 -27.34 -19.26 -14.97
C GLY B 43 -26.97 -18.03 -15.78
N THR B 44 -25.74 -17.55 -15.59
CA THR B 44 -25.25 -16.37 -16.30
C THR B 44 -25.17 -16.67 -17.80
N GLU B 45 -25.81 -15.86 -18.62
CA GLU B 45 -25.78 -16.05 -20.07
C GLU B 45 -24.68 -15.23 -20.72
N LEU B 46 -23.89 -15.87 -21.57
CA LEU B 46 -22.79 -15.21 -22.26
C LEU B 46 -22.89 -15.23 -23.78
N ASP B 47 -22.30 -14.22 -24.40
CA ASP B 47 -22.28 -14.09 -25.85
C ASP B 47 -20.91 -14.54 -26.36
N GLU B 48 -20.55 -14.14 -27.57
CA GLU B 48 -19.25 -14.49 -28.14
C GLU B 48 -18.25 -13.41 -27.71
N LYS B 49 -18.76 -12.19 -27.58
CA LYS B 49 -17.96 -11.04 -27.16
C LYS B 49 -17.54 -11.31 -25.72
N GLN B 50 -18.51 -11.75 -24.92
CA GLN B 50 -18.29 -12.04 -23.51
C GLN B 50 -17.34 -13.20 -23.27
N ILE B 51 -17.30 -14.15 -24.18
CA ILE B 51 -16.41 -15.30 -24.03
C ILE B 51 -15.00 -14.92 -24.46
N ALA B 52 -14.92 -14.18 -25.56
CA ALA B 52 -13.63 -13.74 -26.07
C ALA B 52 -13.04 -12.67 -25.17
N ALA B 53 -13.91 -12.00 -24.40
CA ALA B 53 -13.48 -10.94 -23.49
C ALA B 53 -12.99 -11.55 -22.18
N ILE B 54 -13.65 -12.61 -21.76
CA ILE B 54 -13.28 -13.29 -20.53
C ILE B 54 -11.96 -14.04 -20.71
N ALA B 55 -11.69 -14.47 -21.93
CA ALA B 55 -10.46 -15.19 -22.24
C ALA B 55 -9.28 -14.24 -22.09
N THR B 56 -9.53 -12.98 -22.42
CA THR B 56 -8.52 -11.94 -22.33
C THR B 56 -8.27 -11.60 -20.87
N ALA B 57 -9.33 -11.18 -20.19
CA ALA B 57 -9.27 -10.80 -18.78
C ALA B 57 -8.57 -11.85 -17.93
N ASP B 58 -8.51 -13.08 -18.41
CA ASP B 58 -7.86 -14.14 -17.66
C ASP B 58 -6.40 -14.26 -18.03
N GLN B 59 -6.11 -14.05 -19.32
CA GLN B 59 -4.74 -14.12 -19.80
C GLN B 59 -3.95 -12.98 -19.19
N GLN B 60 -4.65 -11.92 -18.80
CA GLN B 60 -4.01 -10.75 -18.20
C GLN B 60 -3.82 -10.95 -16.70
N ALA B 61 -4.84 -11.50 -16.04
CA ALA B 61 -4.78 -11.74 -14.61
C ALA B 61 -3.66 -12.72 -14.31
N LYS B 62 -3.25 -13.48 -15.32
CA LYS B 62 -2.18 -14.47 -15.18
C LYS B 62 -0.85 -13.73 -15.31
N ALA B 63 -0.77 -12.86 -16.31
CA ALA B 63 0.44 -12.07 -16.53
C ALA B 63 0.61 -11.17 -15.30
N TYR B 64 -0.51 -10.70 -14.74
CA TYR B 64 -0.48 -9.84 -13.56
C TYR B 64 0.13 -10.63 -12.43
N SER B 65 -0.40 -11.84 -12.23
CA SER B 65 0.09 -12.72 -11.18
C SER B 65 1.60 -12.95 -11.30
N ARG B 66 2.06 -13.20 -12.52
CA ARG B 66 3.49 -13.43 -12.74
C ARG B 66 4.30 -12.23 -12.29
N MET B 67 3.71 -11.04 -12.37
CA MET B 67 4.43 -9.84 -11.95
C MET B 67 4.41 -9.70 -10.43
N LEU B 68 3.42 -10.28 -9.76
CA LEU B 68 3.35 -10.23 -8.30
C LEU B 68 4.45 -11.12 -7.72
N ASP B 69 4.82 -12.19 -8.45
CA ASP B 69 5.89 -13.07 -7.98
C ASP B 69 7.19 -12.33 -8.21
N TYR B 70 7.30 -11.75 -9.40
CA TYR B 70 8.48 -11.00 -9.77
C TYR B 70 8.74 -9.88 -8.76
N LEU B 71 7.66 -9.23 -8.33
CA LEU B 71 7.77 -8.13 -7.35
C LEU B 71 8.10 -8.55 -5.93
N SER B 72 7.88 -9.81 -5.60
CA SER B 72 8.16 -10.30 -4.26
C SER B 72 9.64 -10.50 -3.95
N TYR B 73 10.46 -10.76 -4.97
CA TYR B 73 11.88 -11.00 -4.71
C TYR B 73 12.65 -9.75 -4.34
N GLN B 74 12.24 -8.62 -4.92
CA GLN B 74 12.87 -7.36 -4.60
C GLN B 74 12.18 -6.15 -5.19
N MET B 75 12.63 -4.99 -4.76
CA MET B 75 12.11 -3.71 -5.22
C MET B 75 12.28 -3.65 -6.75
N ARG B 76 11.21 -3.31 -7.44
CA ARG B 76 11.21 -3.21 -8.89
C ARG B 76 10.73 -1.82 -9.29
N THR B 77 11.04 -1.43 -10.50
CA THR B 77 10.63 -0.15 -11.06
C THR B 77 9.66 -0.54 -12.16
N GLU B 78 8.87 0.41 -12.63
CA GLU B 78 7.92 0.09 -13.68
C GLU B 78 8.61 -0.50 -14.92
N SER B 79 9.82 -0.05 -15.22
CA SER B 79 10.53 -0.56 -16.38
C SER B 79 10.98 -2.01 -16.19
N ASP B 80 11.30 -2.39 -14.95
CA ASP B 80 11.70 -3.77 -14.68
C ASP B 80 10.48 -4.65 -14.97
N ILE B 81 9.29 -4.14 -14.65
CA ILE B 81 8.06 -4.89 -14.88
C ILE B 81 7.86 -5.07 -16.38
N VAL B 82 8.06 -3.98 -17.12
CA VAL B 82 7.93 -3.96 -18.57
C VAL B 82 8.91 -4.93 -19.24
N LYS B 83 10.17 -4.84 -18.86
CA LYS B 83 11.20 -5.70 -19.43
C LYS B 83 10.93 -7.16 -19.11
N LYS B 84 10.28 -7.42 -17.97
CA LYS B 84 9.96 -8.79 -17.58
C LYS B 84 8.82 -9.31 -18.45
N LEU B 85 7.87 -8.43 -18.76
CA LEU B 85 6.73 -8.80 -19.61
C LEU B 85 7.19 -9.11 -21.05
N LYS B 86 8.17 -8.35 -21.54
CA LYS B 86 8.69 -8.57 -22.88
C LYS B 86 9.46 -9.90 -22.94
N GLU B 87 10.25 -10.17 -21.91
CA GLU B 87 11.06 -11.39 -21.84
C GLU B 87 10.19 -12.63 -21.97
N ILE B 88 8.92 -12.53 -21.57
CA ILE B 88 8.04 -13.68 -21.67
C ILE B 88 7.02 -13.48 -22.79
N ASP B 89 7.35 -12.60 -23.71
CA ASP B 89 6.51 -12.31 -24.87
C ASP B 89 5.03 -12.05 -24.57
N THR B 90 4.76 -11.18 -23.60
CA THR B 90 3.38 -10.85 -23.24
C THR B 90 2.78 -9.82 -24.21
N PRO B 91 1.50 -9.99 -24.59
CA PRO B 91 0.87 -9.05 -25.51
C PRO B 91 0.97 -7.62 -24.98
N GLU B 92 1.53 -6.73 -25.80
CA GLU B 92 1.72 -5.34 -25.42
C GLU B 92 0.46 -4.67 -24.88
N GLU B 93 -0.70 -5.22 -25.18
CA GLU B 93 -1.97 -4.66 -24.74
C GLU B 93 -2.27 -4.83 -23.26
N PHE B 94 -1.51 -5.69 -22.59
CA PHE B 94 -1.73 -5.92 -21.17
C PHE B 94 -0.85 -5.09 -20.26
N VAL B 95 0.25 -4.58 -20.79
CA VAL B 95 1.20 -3.81 -19.98
C VAL B 95 0.64 -2.63 -19.19
N GLU B 96 -0.11 -1.73 -19.83
CA GLU B 96 -0.65 -0.61 -19.07
C GLU B 96 -1.64 -1.00 -17.97
N PRO B 97 -2.56 -1.93 -18.25
CA PRO B 97 -3.53 -2.35 -17.22
C PRO B 97 -2.82 -3.02 -16.05
N ILE B 98 -1.68 -3.65 -16.34
CA ILE B 98 -0.89 -4.32 -15.31
C ILE B 98 -0.29 -3.26 -14.39
N LEU B 99 0.45 -2.32 -14.98
CA LEU B 99 1.09 -1.25 -14.22
C LEU B 99 0.07 -0.43 -13.43
N LYS B 100 -0.99 -0.01 -14.12
CA LYS B 100 -2.03 0.80 -13.50
C LYS B 100 -2.52 0.14 -12.23
N LYS B 101 -2.85 -1.15 -12.32
CA LYS B 101 -3.32 -1.90 -11.17
C LYS B 101 -2.27 -1.98 -10.05
N LEU B 102 -1.04 -2.35 -10.41
CA LEU B 102 0.06 -2.46 -9.43
C LEU B 102 0.31 -1.13 -8.73
N ARG B 103 0.18 -0.06 -9.50
CA ARG B 103 0.36 1.29 -8.98
C ARG B 103 -0.75 1.58 -7.98
N GLY B 104 -1.99 1.37 -8.44
CA GLY B 104 -3.17 1.61 -7.62
C GLY B 104 -3.05 1.18 -6.17
N GLN B 105 -2.32 0.10 -5.90
CA GLN B 105 -2.17 -0.34 -4.52
C GLN B 105 -0.75 -0.28 -4.00
N GLN B 106 0.02 0.67 -4.54
CA GLN B 106 1.40 0.92 -4.13
C GLN B 106 2.34 -0.29 -4.12
N LEU B 107 2.29 -1.12 -5.17
CA LEU B 107 3.18 -2.27 -5.24
C LEU B 107 4.48 -1.88 -5.95
N ILE B 108 4.38 -0.80 -6.72
CA ILE B 108 5.49 -0.18 -7.45
C ILE B 108 5.29 1.32 -7.21
N ASP B 109 6.35 1.96 -6.73
CA ASP B 109 6.32 3.38 -6.44
C ASP B 109 7.69 3.88 -6.81
N ASP B 110 7.85 4.35 -8.04
CA ASP B 110 9.13 4.84 -8.50
C ASP B 110 9.66 5.96 -7.59
N HIS B 111 8.77 6.84 -7.12
CA HIS B 111 9.16 7.93 -6.23
C HIS B 111 9.88 7.32 -5.01
N ALA B 112 9.30 6.28 -4.44
CA ALA B 112 9.91 5.65 -3.28
C ALA B 112 11.15 4.82 -3.71
N TYR B 113 11.12 4.26 -4.92
CA TYR B 113 12.26 3.46 -5.40
C TYR B 113 13.51 4.35 -5.43
N ALA B 114 13.38 5.48 -6.13
CA ALA B 114 14.44 6.45 -6.27
C ALA B 114 14.92 6.95 -4.92
N ALA B 115 13.98 7.26 -4.02
CA ALA B 115 14.35 7.76 -2.68
C ALA B 115 15.20 6.76 -1.94
N SER B 116 14.89 5.49 -2.13
CA SER B 116 15.59 4.40 -1.48
C SER B 116 16.93 4.11 -2.12
N TYR B 117 16.97 4.17 -3.45
CA TYR B 117 18.20 3.91 -4.18
C TYR B 117 19.25 4.93 -3.76
N VAL B 118 18.84 6.19 -3.65
CA VAL B 118 19.74 7.26 -3.28
C VAL B 118 20.22 7.15 -1.84
N ARG B 119 19.33 6.77 -0.94
CA ARG B 119 19.70 6.62 0.46
C ARG B 119 20.71 5.47 0.57
N THR B 120 20.57 4.47 -0.29
CA THR B 120 21.46 3.33 -0.31
C THR B 120 22.84 3.69 -0.86
N MET B 121 22.89 4.39 -1.99
CA MET B 121 24.19 4.76 -2.55
C MET B 121 24.95 5.64 -1.58
N ILE B 122 24.23 6.55 -0.91
CA ILE B 122 24.85 7.45 0.05
C ILE B 122 25.61 6.69 1.13
N ASN B 123 25.04 5.57 1.57
CA ASN B 123 25.65 4.77 2.62
C ASN B 123 26.65 3.71 2.16
N THR B 124 26.51 3.22 0.94
CA THR B 124 27.38 2.15 0.46
C THR B 124 28.34 2.44 -0.69
N ASP B 125 28.03 3.41 -1.51
CA ASP B 125 28.90 3.69 -2.64
C ASP B 125 29.60 5.05 -2.61
N LEU B 126 30.46 5.27 -3.59
CA LEU B 126 31.20 6.52 -3.72
C LEU B 126 30.84 7.13 -5.05
N LYS B 127 29.60 6.92 -5.49
CA LYS B 127 29.12 7.48 -6.73
C LYS B 127 28.47 8.82 -6.40
N GLY B 128 28.56 9.77 -7.32
CA GLY B 128 27.97 11.06 -7.07
C GLY B 128 26.58 11.19 -7.66
N PRO B 129 25.92 12.33 -7.47
CA PRO B 129 24.58 12.58 -7.98
C PRO B 129 24.46 12.28 -9.48
N GLY B 130 25.48 12.68 -10.24
CA GLY B 130 25.48 12.47 -11.68
C GLY B 130 25.36 11.03 -12.15
N ILE B 131 26.07 10.13 -11.49
CA ILE B 131 26.01 8.72 -11.82
C ILE B 131 24.69 8.13 -11.29
N ILE B 132 24.18 8.71 -10.19
CA ILE B 132 22.92 8.26 -9.62
C ILE B 132 21.81 8.55 -10.63
N ARG B 133 21.79 9.79 -11.13
CA ARG B 133 20.78 10.19 -12.11
C ARG B 133 20.79 9.31 -13.35
N GLN B 134 21.96 9.17 -13.94
CA GLN B 134 22.12 8.37 -15.16
C GLN B 134 21.52 7.00 -14.97
N HIS B 135 21.86 6.37 -13.86
CA HIS B 135 21.34 5.04 -13.60
C HIS B 135 19.81 5.07 -13.46
N LEU B 136 19.30 5.95 -12.60
CA LEU B 136 17.86 6.05 -12.41
C LEU B 136 17.13 6.31 -13.73
N ARG B 137 17.70 7.18 -14.57
CA ARG B 137 17.10 7.47 -15.87
C ARG B 137 17.01 6.21 -16.72
N GLN B 138 18.05 5.39 -16.65
CA GLN B 138 18.12 4.15 -17.40
C GLN B 138 17.07 3.16 -16.92
N LYS B 139 16.50 3.43 -15.75
CA LYS B 139 15.46 2.59 -15.18
C LYS B 139 14.06 3.13 -15.48
N GLY B 140 14.02 4.17 -16.30
CA GLY B 140 12.75 4.76 -16.69
C GLY B 140 12.09 5.68 -15.67
N ILE B 141 12.84 6.07 -14.66
CA ILE B 141 12.25 6.95 -13.63
C ILE B 141 12.26 8.41 -14.07
N GLY B 142 11.15 9.08 -13.80
CA GLY B 142 10.98 10.48 -14.15
C GLY B 142 11.91 11.38 -13.39
N GLU B 143 12.03 12.63 -13.84
CA GLU B 143 12.94 13.56 -13.18
C GLU B 143 12.44 14.11 -11.84
N SER B 144 11.13 14.30 -11.69
CA SER B 144 10.61 14.82 -10.43
C SER B 144 10.87 13.82 -9.29
N ASP B 145 10.83 12.53 -9.61
CA ASP B 145 11.09 11.50 -8.59
C ASP B 145 12.58 11.48 -8.29
N ILE B 146 13.39 11.72 -9.32
CA ILE B 146 14.82 11.72 -9.15
C ILE B 146 15.24 12.91 -8.30
N ASP B 147 14.71 14.10 -8.62
CA ASP B 147 15.03 15.30 -7.84
C ASP B 147 14.62 15.20 -6.35
N ASP B 148 13.43 14.69 -6.07
CA ASP B 148 12.99 14.57 -4.67
C ASP B 148 13.92 13.63 -3.89
N ALA B 149 14.30 12.53 -4.54
CA ALA B 149 15.18 11.54 -3.94
C ALA B 149 16.56 12.11 -3.64
N LEU B 150 17.03 12.96 -4.54
CA LEU B 150 18.33 13.60 -4.38
C LEU B 150 18.36 14.69 -3.32
N THR B 151 17.19 15.16 -2.90
CA THR B 151 17.10 16.20 -1.90
C THR B 151 17.93 15.87 -0.65
N GLN B 152 17.93 14.60 -0.28
CA GLN B 152 18.67 14.13 0.88
C GLN B 152 20.17 14.08 0.67
N PHE B 153 20.59 14.00 -0.60
CA PHE B 153 22.01 13.94 -0.90
C PHE B 153 22.52 15.37 -0.86
N THR B 154 22.60 15.89 0.36
CA THR B 154 23.07 17.23 0.65
C THR B 154 24.55 17.43 0.32
N PRO B 155 24.94 18.67 -0.03
CA PRO B 155 26.35 18.94 -0.36
C PRO B 155 27.28 18.44 0.76
N GLU B 156 26.83 18.52 2.00
CA GLU B 156 27.66 18.06 3.11
C GLU B 156 27.88 16.56 2.90
N VAL B 157 26.81 15.87 2.53
CA VAL B 157 26.88 14.44 2.30
C VAL B 157 27.76 14.15 1.08
N GLN B 158 27.60 14.96 0.02
CA GLN B 158 28.41 14.78 -1.18
C GLN B 158 29.90 14.94 -0.84
N ALA B 159 30.24 16.00 -0.10
CA ALA B 159 31.62 16.27 0.28
C ALA B 159 32.17 15.13 1.12
N GLU B 160 31.30 14.47 1.87
CA GLU B 160 31.72 13.34 2.69
C GLU B 160 32.22 12.21 1.79
N LEU B 161 31.35 11.71 0.90
CA LEU B 161 31.70 10.61 0.01
C LEU B 161 32.79 10.96 -0.99
N ALA B 162 32.79 12.20 -1.48
CA ALA B 162 33.79 12.65 -2.44
C ALA B 162 35.15 12.71 -1.78
N LYS B 163 35.15 12.98 -0.47
CA LYS B 163 36.39 13.06 0.28
C LYS B 163 37.03 11.68 0.33
N LYS B 164 36.21 10.65 0.52
CA LYS B 164 36.71 9.28 0.57
C LYS B 164 37.13 8.76 -0.80
N LEU B 165 36.52 9.29 -1.86
CA LEU B 165 36.87 8.85 -3.20
C LEU B 165 38.25 9.41 -3.57
N ALA B 166 38.53 10.63 -3.14
CA ALA B 166 39.80 11.28 -3.46
C ALA B 166 40.97 10.59 -2.75
N LEU B 167 40.80 10.27 -1.48
CA LEU B 167 41.86 9.60 -0.74
C LEU B 167 42.22 8.29 -1.44
N LYS B 168 41.19 7.54 -1.81
CA LYS B 168 41.40 6.26 -2.47
C LYS B 168 42.16 6.41 -3.79
N LEU B 169 41.73 7.36 -4.63
CA LEU B 169 42.37 7.57 -5.92
C LEU B 169 43.82 8.02 -5.83
N PHE B 170 44.17 8.77 -4.78
CA PHE B 170 45.54 9.22 -4.61
C PHE B 170 46.45 8.04 -4.35
N ARG B 171 45.88 6.98 -3.79
CA ARG B 171 46.63 5.77 -3.50
C ARG B 171 46.89 4.98 -4.79
N ARG B 172 45.85 4.77 -5.60
CA ARG B 172 46.00 4.01 -6.81
C ARG B 172 47.04 4.61 -7.76
N TYR B 173 46.97 5.92 -7.96
CA TYR B 173 47.89 6.60 -8.86
C TYR B 173 49.07 7.27 -8.18
N ARG B 174 49.49 6.74 -7.03
CA ARG B 174 50.60 7.33 -6.28
C ARG B 174 51.96 7.20 -6.95
N ASN B 175 52.05 6.38 -8.01
CA ASN B 175 53.30 6.17 -8.73
C ASN B 175 53.56 7.22 -9.79
N GLN B 176 52.53 8.00 -10.11
CA GLN B 176 52.65 9.03 -11.12
C GLN B 176 53.04 10.36 -10.49
N PRO B 177 53.68 11.27 -11.25
CA PRO B 177 54.09 12.57 -10.73
C PRO B 177 52.87 13.34 -10.22
N GLU B 178 53.05 14.02 -9.09
CA GLU B 178 52.00 14.78 -8.43
C GLU B 178 50.87 15.40 -9.28
N ARG B 179 51.22 16.19 -10.29
CA ARG B 179 50.21 16.83 -11.12
C ARG B 179 49.33 15.86 -11.89
N ARG B 180 49.96 14.91 -12.59
CA ARG B 180 49.21 13.92 -13.35
C ARG B 180 48.40 13.13 -12.34
N ARG B 181 48.96 12.95 -11.16
CA ARG B 181 48.33 12.24 -10.06
C ARG B 181 47.00 12.89 -9.66
N GLU B 182 47.06 14.18 -9.32
CA GLU B 182 45.88 14.93 -8.91
C GLU B 182 44.89 15.06 -10.05
N GLN B 183 45.38 15.17 -11.28
CA GLN B 183 44.52 15.29 -12.44
C GLN B 183 43.72 14.01 -12.61
N LYS B 184 44.36 12.88 -12.36
CA LYS B 184 43.70 11.59 -12.49
C LYS B 184 42.63 11.47 -11.38
N VAL B 185 42.88 12.15 -10.25
CA VAL B 185 41.95 12.14 -9.13
C VAL B 185 40.74 13.02 -9.45
N GLN B 186 40.99 14.22 -9.96
CA GLN B 186 39.91 15.11 -10.32
C GLN B 186 39.00 14.46 -11.35
N GLN B 187 39.60 13.89 -12.39
CA GLN B 187 38.84 13.22 -13.44
C GLN B 187 38.04 12.04 -12.89
N GLY B 188 38.61 11.38 -11.88
CA GLY B 188 37.93 10.24 -11.28
C GLY B 188 36.64 10.65 -10.60
N LEU B 189 36.67 11.78 -9.90
CA LEU B 189 35.47 12.26 -9.23
C LEU B 189 34.37 12.64 -10.22
N THR B 190 34.74 13.35 -11.28
CA THR B 190 33.76 13.77 -12.27
C THR B 190 33.17 12.58 -13.04
N THR B 191 34.01 11.62 -13.40
CA THR B 191 33.53 10.44 -14.11
C THR B 191 32.62 9.67 -13.16
N LYS B 192 32.77 9.96 -11.86
CA LYS B 192 31.99 9.32 -10.81
C LYS B 192 30.73 10.13 -10.45
N GLY B 193 30.44 11.17 -11.23
CA GLY B 193 29.24 11.96 -10.98
C GLY B 193 29.28 13.09 -9.97
N PHE B 194 30.43 13.35 -9.36
CA PHE B 194 30.52 14.43 -8.39
C PHE B 194 30.74 15.75 -9.12
N SER B 195 30.03 16.78 -8.69
CA SER B 195 30.16 18.09 -9.30
C SER B 195 31.50 18.67 -8.90
N SER B 196 32.04 19.55 -9.72
CA SER B 196 33.33 20.18 -9.47
C SER B 196 33.35 20.91 -8.12
N SER B 197 32.26 21.62 -7.82
CA SER B 197 32.14 22.38 -6.57
C SER B 197 32.50 21.54 -5.35
N VAL B 198 32.40 20.23 -5.48
CA VAL B 198 32.68 19.32 -4.38
C VAL B 198 34.16 19.12 -4.18
N TYR B 199 34.92 19.12 -5.27
CA TYR B 199 36.36 18.92 -5.16
C TYR B 199 36.98 20.07 -4.40
N GLU B 200 36.37 21.26 -4.47
CA GLU B 200 36.88 22.42 -3.74
C GLU B 200 36.69 22.21 -2.24
N MET B 201 35.48 21.82 -1.86
CA MET B 201 35.14 21.59 -0.46
C MET B 201 36.06 20.57 0.21
N ILE B 202 36.84 19.84 -0.59
CA ILE B 202 37.72 18.83 -0.02
C ILE B 202 39.17 18.91 -0.50
N LYS B 203 39.42 19.78 -1.48
CA LYS B 203 40.74 19.96 -2.05
C LYS B 203 41.85 20.12 -1.00
N ASP B 204 41.77 21.20 -0.23
CA ASP B 204 42.76 21.49 0.82
C ASP B 204 42.77 20.42 1.91
N GLU B 205 41.85 19.48 1.82
CA GLU B 205 41.75 18.41 2.81
C GLU B 205 42.20 17.08 2.21
#